data_2QQE
#
_entry.id   2QQE
#
_cell.length_a   111.590
_cell.length_b   52.820
_cell.length_c   59.310
_cell.angle_alpha   90.00
_cell.angle_beta   107.90
_cell.angle_gamma   90.00
#
_symmetry.space_group_name_H-M   'C 1 2 1'
#
loop_
_entity.id
_entity.type
_entity.pdbx_description
1 polymer 'Thymidine kinase'
2 non-polymer 'ZINC ION'
3 non-polymer THYMIDINE
4 water water
#
_entity_poly.entity_id   1
_entity_poly.type   'polypeptide(L)'
_entity_poly.pdbx_seq_one_letter_code
;MSGKLTVITGPMYSGKTTELLSFVEIYKLGKKKVAVFKPKIDSRYHSTMIVSHSGNGVEAHVIERPEEMRKYIEEDTRGV
FIDEVQFFNPSLFEVVKDLLDRGIDVFCAGLDLTHKQNPFETTALLLSLADTVIKKKAVCHRCGEYNATLTLKVAGGEEE
IDVGGQEKYIAVCRDCYNTLKKRV
;
_entity_poly.pdbx_strand_id   A,B
#
# COMPACT_ATOMS: atom_id res chain seq x y z
N SER A 2 -18.35 -9.87 -3.72
CA SER A 2 -17.00 -10.47 -3.55
C SER A 2 -16.42 -10.11 -2.16
N GLY A 3 -15.30 -10.72 -1.83
CA GLY A 3 -14.61 -10.41 -0.59
C GLY A 3 -13.80 -9.12 -0.75
N LYS A 4 -13.54 -8.44 0.37
CA LYS A 4 -12.65 -7.29 0.39
C LYS A 4 -11.37 -7.70 1.08
N LEU A 5 -10.25 -7.09 0.67
CA LEU A 5 -9.02 -7.23 1.36
C LEU A 5 -8.60 -5.99 2.19
N THR A 6 -8.33 -6.19 3.48
CA THR A 6 -7.80 -5.13 4.36
C THR A 6 -6.36 -5.46 4.65
N VAL A 7 -5.45 -4.49 4.46
CA VAL A 7 -4.03 -4.69 4.84
C VAL A 7 -3.62 -3.68 5.92
N ILE A 8 -3.07 -4.22 6.99
CA ILE A 8 -2.55 -3.47 8.12
C ILE A 8 -1.02 -3.47 7.99
N THR A 9 -0.39 -2.30 7.96
CA THR A 9 1.08 -2.32 7.79
C THR A 9 1.70 -1.16 8.52
N GLY A 10 3.00 -1.18 8.67
CA GLY A 10 3.62 -0.22 9.53
C GLY A 10 4.88 -0.86 10.01
N PRO A 11 5.68 -0.12 10.80
CA PRO A 11 6.90 -0.77 11.29
C PRO A 11 6.68 -1.70 12.47
N MET A 12 7.75 -2.25 13.01
CA MET A 12 7.62 -3.03 14.23
C MET A 12 7.10 -2.20 15.37
N TYR A 13 6.46 -2.89 16.31
CA TYR A 13 5.94 -2.27 17.53
C TYR A 13 4.78 -1.26 17.30
N SER A 14 4.02 -1.47 16.21
CA SER A 14 2.93 -0.56 15.84
C SER A 14 1.55 -1.21 16.08
N GLY A 15 1.53 -2.29 16.85
CA GLY A 15 0.32 -2.97 17.27
C GLY A 15 -0.51 -3.57 16.18
N LYS A 16 0.18 -4.09 15.17
CA LYS A 16 -0.42 -4.65 13.95
C LYS A 16 -1.14 -5.97 14.21
N THR A 17 -0.54 -6.82 15.04
CA THR A 17 -1.20 -8.11 15.35
C THR A 17 -2.47 -7.89 16.15
N THR A 18 -2.42 -6.97 17.11
CA THR A 18 -3.62 -6.57 17.94
C THR A 18 -4.74 -6.01 17.06
N GLU A 19 -4.39 -5.10 16.14
CA GLU A 19 -5.29 -4.62 15.12
C GLU A 19 -5.95 -5.76 14.34
N LEU A 20 -5.13 -6.73 13.88
CA LEU A 20 -5.72 -7.81 13.13
C LEU A 20 -6.72 -8.61 13.96
N LEU A 21 -6.38 -8.84 15.24
CA LEU A 21 -7.22 -9.64 16.17
C LEU A 21 -8.57 -8.96 16.45
N SER A 22 -8.60 -7.63 16.40
CA SER A 22 -9.86 -6.84 16.46
C SER A 22 -10.85 -7.30 15.37
N PHE A 23 -10.32 -7.58 14.18
CA PHE A 23 -11.16 -8.04 13.05
C PHE A 23 -11.62 -9.47 13.21
N VAL A 24 -10.71 -10.32 13.68
CA VAL A 24 -11.03 -11.72 14.02
C VAL A 24 -12.20 -11.73 14.99
N GLU A 25 -12.12 -10.92 16.04
CA GLU A 25 -13.21 -10.74 17.00
C GLU A 25 -14.60 -10.38 16.39
N ILE A 26 -14.62 -9.48 15.40
CA ILE A 26 -15.87 -9.00 14.79
C ILE A 26 -16.57 -10.22 14.16
N TYR A 27 -15.78 -11.10 13.54
CA TYR A 27 -16.31 -12.30 12.88
C TYR A 27 -16.66 -13.38 13.92
N LYS A 28 -15.93 -13.41 15.03
CA LYS A 28 -16.22 -14.37 16.10
C LYS A 28 -17.53 -13.97 16.83
N LEU A 29 -17.68 -12.68 17.14
CA LEU A 29 -18.99 -12.20 17.61
C LEU A 29 -20.16 -12.30 16.60
N GLY A 30 -19.87 -12.28 15.29
CA GLY A 30 -20.91 -12.41 14.24
C GLY A 30 -21.26 -13.81 13.78
N LYS A 31 -20.78 -14.82 14.53
CA LYS A 31 -21.08 -16.26 14.26
C LYS A 31 -20.50 -16.78 12.94
N LYS A 32 -19.32 -16.32 12.54
CA LYS A 32 -18.78 -16.76 11.25
C LYS A 32 -17.47 -17.51 11.41
N LYS A 33 -17.28 -18.49 10.53
CA LYS A 33 -16.09 -19.34 10.53
C LYS A 33 -14.92 -18.50 10.02
N VAL A 34 -13.81 -18.56 10.75
CA VAL A 34 -12.60 -17.87 10.35
C VAL A 34 -11.47 -18.89 10.14
N ALA A 35 -10.50 -18.49 9.33
CA ALA A 35 -9.23 -19.16 9.32
C ALA A 35 -8.12 -18.14 9.63
N VAL A 36 -7.31 -18.42 10.67
CA VAL A 36 -6.17 -17.59 10.99
C VAL A 36 -4.86 -18.35 10.64
N PHE A 37 -3.90 -17.67 9.96
CA PHE A 37 -2.67 -18.26 9.50
C PHE A 37 -1.44 -17.42 9.89
N LYS A 38 -0.30 -18.08 10.03
CA LYS A 38 0.98 -17.42 10.31
C LYS A 38 2.09 -18.20 9.61
N PRO A 39 3.20 -17.54 9.24
CA PRO A 39 4.24 -18.29 8.55
C PRO A 39 5.11 -19.13 9.49
N LYS A 40 5.82 -20.12 8.94
CA LYS A 40 6.75 -20.90 9.74
C LYS A 40 7.95 -20.06 10.24
N ASN A 56 -0.93 -13.24 18.04
CA ASN A 56 -0.54 -14.37 17.21
C ASN A 56 -1.01 -15.71 17.81
N GLY A 57 -2.12 -15.66 18.54
CA GLY A 57 -2.66 -16.81 19.23
C GLY A 57 -4.18 -16.80 19.31
N VAL A 58 -4.78 -17.81 18.69
CA VAL A 58 -6.23 -18.03 18.67
C VAL A 58 -6.43 -19.33 17.92
N GLU A 59 -5.31 -20.00 17.67
CA GLU A 59 -5.20 -21.27 16.92
C GLU A 59 -4.87 -20.97 15.47
N ALA A 60 -3.75 -20.27 15.26
CA ALA A 60 -3.28 -19.97 13.93
C ALA A 60 -2.61 -21.20 13.35
N HIS A 61 -3.00 -21.61 12.15
CA HIS A 61 -2.28 -22.61 11.41
C HIS A 61 -0.95 -22.04 10.92
N VAL A 62 0.13 -22.81 11.15
CA VAL A 62 1.49 -22.49 10.72
C VAL A 62 1.76 -23.12 9.38
N ILE A 63 2.11 -22.32 8.37
CA ILE A 63 2.20 -22.79 6.98
C ILE A 63 3.43 -22.26 6.27
N GLU A 64 3.98 -23.06 5.37
CA GLU A 64 5.24 -22.71 4.69
C GLU A 64 4.96 -22.05 3.36
N ARG A 65 4.14 -22.70 2.53
CA ARG A 65 3.72 -22.13 1.25
C ARG A 65 2.28 -21.56 1.29
N PRO A 66 2.02 -20.44 0.61
CA PRO A 66 0.65 -19.92 0.66
C PRO A 66 -0.46 -20.91 0.24
N GLU A 67 -0.17 -21.78 -0.72
CA GLU A 67 -1.14 -22.72 -1.29
C GLU A 67 -1.55 -23.84 -0.31
N GLU A 68 -0.83 -23.91 0.81
CA GLU A 68 -1.19 -24.79 1.92
C GLU A 68 -2.43 -24.26 2.65
N MET A 69 -2.88 -23.06 2.28
CA MET A 69 -4.03 -22.43 2.93
C MET A 69 -5.31 -23.16 2.55
N ARG A 70 -5.45 -23.50 1.28
CA ARG A 70 -6.65 -24.16 0.72
C ARG A 70 -7.17 -25.29 1.61
N LYS A 71 -6.24 -26.08 2.14
CA LYS A 71 -6.54 -27.20 3.02
C LYS A 71 -7.38 -26.81 4.23
N TYR A 72 -7.17 -25.60 4.75
CA TYR A 72 -7.75 -25.19 6.02
C TYR A 72 -8.99 -24.32 5.89
N ILE A 73 -9.41 -24.09 4.66
CA ILE A 73 -10.57 -23.25 4.37
C ILE A 73 -11.78 -24.09 3.97
N GLU A 74 -12.75 -24.16 4.86
CA GLU A 74 -13.96 -24.96 4.62
C GLU A 74 -15.02 -24.20 3.82
N GLU A 75 -16.10 -24.88 3.42
CA GLU A 75 -17.02 -24.22 2.51
C GLU A 75 -17.70 -23.02 3.17
N ASP A 76 -17.78 -23.01 4.50
CA ASP A 76 -18.43 -21.88 5.21
C ASP A 76 -17.49 -20.80 5.82
N THR A 77 -16.22 -20.85 5.44
CA THR A 77 -15.23 -19.83 5.82
C THR A 77 -15.56 -18.47 5.17
N ARG A 78 -15.73 -17.44 6.01
CA ARG A 78 -16.15 -16.11 5.60
C ARG A 78 -15.03 -15.10 5.77
N GLY A 79 -14.03 -15.43 6.58
CA GLY A 79 -12.86 -14.57 6.77
C GLY A 79 -11.58 -15.35 6.94
N VAL A 80 -10.51 -14.83 6.36
CA VAL A 80 -9.19 -15.47 6.30
C VAL A 80 -8.23 -14.39 6.84
N PHE A 81 -7.45 -14.71 7.87
CA PHE A 81 -6.61 -13.70 8.55
C PHE A 81 -5.17 -14.16 8.52
N ILE A 82 -4.26 -13.29 8.05
CA ILE A 82 -2.87 -13.73 7.84
C ILE A 82 -1.91 -12.75 8.52
N ASP A 83 -1.18 -13.21 9.56
CA ASP A 83 -0.14 -12.37 10.23
C ASP A 83 1.23 -12.46 9.59
N GLU A 84 2.05 -11.44 9.83
CA GLU A 84 3.43 -11.38 9.29
C GLU A 84 3.54 -11.78 7.82
N VAL A 85 2.66 -11.23 6.99
CA VAL A 85 2.71 -11.52 5.55
C VAL A 85 4.02 -11.30 4.85
N GLN A 86 4.94 -10.51 5.40
CA GLN A 86 6.20 -10.19 4.67
C GLN A 86 7.07 -11.45 4.39
N PHE A 87 6.82 -12.48 5.17
CA PHE A 87 7.54 -13.77 5.13
C PHE A 87 6.93 -14.79 4.17
N PHE A 88 5.75 -14.52 3.65
CA PHE A 88 5.15 -15.40 2.68
C PHE A 88 5.65 -15.17 1.28
N ASN A 89 5.74 -16.27 0.55
CA ASN A 89 5.97 -16.27 -0.88
C ASN A 89 4.99 -15.32 -1.58
N PRO A 90 5.45 -14.55 -2.59
CA PRO A 90 4.59 -13.63 -3.39
C PRO A 90 3.42 -14.31 -4.10
N SER A 91 3.46 -15.64 -4.20
CA SER A 91 2.33 -16.41 -4.74
C SER A 91 1.08 -16.28 -3.87
N LEU A 92 1.24 -15.66 -2.70
CA LEU A 92 0.14 -15.21 -1.85
C LEU A 92 -0.80 -14.24 -2.60
N PHE A 93 -0.24 -13.42 -3.50
CA PHE A 93 -1.01 -12.45 -4.28
C PHE A 93 -2.15 -13.15 -5.07
N GLU A 94 -1.80 -14.20 -5.78
CA GLU A 94 -2.78 -14.99 -6.51
C GLU A 94 -3.71 -15.78 -5.61
N VAL A 95 -3.21 -16.34 -4.50
CA VAL A 95 -4.05 -17.06 -3.55
C VAL A 95 -5.13 -16.15 -2.92
N VAL A 96 -4.75 -14.90 -2.66
CA VAL A 96 -5.68 -13.96 -2.02
C VAL A 96 -6.78 -13.51 -3.00
N LYS A 97 -6.36 -13.21 -4.23
CA LYS A 97 -7.26 -12.89 -5.33
C LYS A 97 -8.36 -13.94 -5.46
N ASP A 98 -7.97 -15.20 -5.37
CA ASP A 98 -8.91 -16.33 -5.51
C ASP A 98 -9.96 -16.34 -4.39
N LEU A 99 -9.52 -16.07 -3.16
CA LEU A 99 -10.41 -16.02 -1.99
C LEU A 99 -11.45 -14.90 -2.14
N LEU A 100 -10.93 -13.73 -2.55
CA LEU A 100 -11.74 -12.55 -2.79
C LEU A 100 -12.85 -12.81 -3.83
N ASP A 101 -12.45 -13.38 -4.95
CA ASP A 101 -13.36 -13.75 -6.03
C ASP A 101 -14.42 -14.77 -5.54
N ARG A 102 -14.09 -15.54 -4.50
CA ARG A 102 -14.97 -16.57 -3.91
C ARG A 102 -15.82 -15.99 -2.79
N GLY A 103 -15.63 -14.70 -2.51
CA GLY A 103 -16.46 -14.02 -1.51
C GLY A 103 -15.97 -14.12 -0.09
N ILE A 104 -14.69 -14.45 0.08
CA ILE A 104 -14.07 -14.59 1.39
C ILE A 104 -13.31 -13.27 1.67
N ASP A 105 -13.67 -12.59 2.75
CA ASP A 105 -12.90 -11.39 3.12
C ASP A 105 -11.55 -11.82 3.71
N VAL A 106 -10.51 -11.02 3.47
CA VAL A 106 -9.18 -11.38 3.88
C VAL A 106 -8.62 -10.16 4.62
N PHE A 107 -8.02 -10.39 5.79
CA PHE A 107 -7.33 -9.37 6.53
C PHE A 107 -5.88 -9.77 6.67
N CYS A 108 -4.94 -8.88 6.34
CA CYS A 108 -3.50 -9.22 6.35
C CYS A 108 -2.77 -8.20 7.19
N ALA A 109 -1.76 -8.62 7.94
CA ALA A 109 -0.88 -7.67 8.65
C ALA A 109 0.56 -8.01 8.35
N GLY A 110 1.37 -7.00 8.06
CA GLY A 110 2.78 -7.26 7.83
C GLY A 110 3.57 -5.99 7.82
N LEU A 111 4.89 -6.16 7.82
CA LEU A 111 5.83 -5.06 7.63
C LEU A 111 5.87 -4.62 6.18
N ASP A 112 5.85 -3.29 6.00
CA ASP A 112 5.96 -2.67 4.67
C ASP A 112 7.40 -2.52 4.14
N LEU A 113 8.34 -2.15 5.02
CA LEU A 113 9.77 -2.01 4.61
C LEU A 113 10.69 -2.84 5.47
N THR A 114 11.84 -3.23 4.91
CA THR A 114 12.86 -3.89 5.67
C THR A 114 13.59 -2.84 6.54
N HIS A 115 14.50 -3.31 7.38
CA HIS A 115 15.33 -2.41 8.16
C HIS A 115 16.19 -1.44 7.33
N LYS A 116 16.45 -1.81 6.06
CA LYS A 116 17.20 -0.95 5.10
C LYS A 116 16.29 -0.07 4.23
N GLN A 117 15.00 -0.03 4.60
CA GLN A 117 13.98 0.67 3.84
C GLN A 117 13.75 0.14 2.43
N ASN A 118 14.04 -1.15 2.19
CA ASN A 118 13.63 -1.80 0.94
C ASN A 118 12.20 -2.31 1.09
N PRO A 119 11.39 -2.28 0.00
CA PRO A 119 10.06 -2.83 0.26
C PRO A 119 10.08 -4.36 0.43
N PHE A 120 9.16 -4.89 1.23
CA PHE A 120 8.87 -6.31 1.24
C PHE A 120 7.89 -6.63 0.11
N GLU A 121 8.28 -7.54 -0.76
CA GLU A 121 7.59 -7.63 -2.02
C GLU A 121 6.21 -8.19 -1.84
N THR A 122 6.03 -9.10 -0.88
CA THR A 122 4.74 -9.77 -0.76
C THR A 122 3.73 -8.75 -0.19
N THR A 123 4.24 -7.97 0.75
CA THR A 123 3.49 -6.92 1.33
C THR A 123 3.09 -5.85 0.30
N ALA A 124 4.03 -5.46 -0.55
CA ALA A 124 3.76 -4.46 -1.57
C ALA A 124 2.69 -4.92 -2.60
N LEU A 125 2.73 -6.18 -2.97
CA LEU A 125 1.75 -6.74 -3.93
C LEU A 125 0.33 -6.66 -3.33
N LEU A 126 0.23 -7.05 -2.06
CA LEU A 126 -1.06 -7.07 -1.34
C LEU A 126 -1.56 -5.66 -1.11
N LEU A 127 -0.66 -4.73 -0.77
CA LEU A 127 -0.99 -3.30 -0.78
C LEU A 127 -1.69 -2.87 -2.11
N SER A 128 -1.22 -3.34 -3.26
CA SER A 128 -1.86 -2.90 -4.51
C SER A 128 -3.27 -3.52 -4.68
N LEU A 129 -3.49 -4.69 -4.05
CA LEU A 129 -4.74 -5.42 -4.19
C LEU A 129 -5.76 -4.94 -3.18
N ALA A 130 -5.31 -4.30 -2.10
CA ALA A 130 -6.17 -3.98 -0.97
C ALA A 130 -7.31 -3.06 -1.34
N ASP A 131 -8.45 -3.28 -0.72
CA ASP A 131 -9.57 -2.40 -0.82
C ASP A 131 -9.40 -1.29 0.23
N THR A 132 -8.86 -1.65 1.41
CA THR A 132 -8.54 -0.73 2.50
C THR A 132 -7.14 -0.96 3.07
N VAL A 133 -6.41 0.12 3.35
CA VAL A 133 -5.05 -0.05 3.85
C VAL A 133 -5.02 0.73 5.17
N ILE A 134 -4.49 0.11 6.22
CA ILE A 134 -4.35 0.72 7.52
C ILE A 134 -2.86 0.85 7.77
N LYS A 135 -2.37 2.07 7.78
CA LYS A 135 -0.95 2.27 8.10
C LYS A 135 -0.86 2.55 9.60
N LYS A 136 -0.02 1.80 10.33
CA LYS A 136 0.06 1.97 11.80
C LYS A 136 1.38 2.64 12.21
N LYS A 137 1.32 3.48 13.21
CA LYS A 137 2.54 4.11 13.75
C LYS A 137 2.99 3.47 15.08
N ALA A 138 4.28 3.59 15.36
CA ALA A 138 4.84 3.14 16.60
C ALA A 138 5.41 4.37 17.32
N VAL A 139 5.77 4.20 18.59
CA VAL A 139 6.50 5.21 19.34
C VAL A 139 7.94 5.24 18.92
N CYS A 140 8.50 6.44 18.68
CA CYS A 140 9.89 6.55 18.23
C CYS A 140 10.83 6.24 19.37
N HIS A 141 11.75 5.31 19.15
CA HIS A 141 12.51 4.75 20.27
C HIS A 141 13.46 5.79 20.80
N ARG A 142 14.03 6.60 19.91
CA ARG A 142 14.97 7.67 20.25
C ARG A 142 14.26 8.95 20.76
N CYS A 143 13.34 9.50 19.97
CA CYS A 143 12.70 10.78 20.34
C CYS A 143 11.43 10.68 21.18
N GLY A 144 10.79 9.51 21.13
CA GLY A 144 9.59 9.25 21.94
C GLY A 144 8.26 9.83 21.44
N GLU A 145 8.24 10.37 20.24
CA GLU A 145 7.00 10.85 19.67
C GLU A 145 6.23 9.71 19.02
N TYR A 146 4.93 9.93 18.90
CA TYR A 146 4.01 9.01 18.22
C TYR A 146 4.08 9.31 16.74
N ASN A 147 5.17 8.87 16.12
CA ASN A 147 5.41 9.23 14.75
C ASN A 147 6.38 8.27 14.06
N ALA A 148 6.68 7.13 14.65
CA ALA A 148 7.69 6.22 14.10
C ALA A 148 7.10 5.37 12.98
N THR A 149 7.78 5.32 11.80
CA THR A 149 7.23 4.72 10.55
C THR A 149 8.20 3.66 9.98
N LEU A 150 9.37 3.60 10.59
CA LEU A 150 10.48 2.78 10.12
C LEU A 150 11.01 1.90 11.22
N THR A 151 11.60 0.80 10.82
CA THR A 151 12.29 -0.11 11.72
C THR A 151 13.79 -0.05 11.47
N LEU A 152 14.55 0.19 12.54
CA LEU A 152 15.98 0.18 12.43
C LEU A 152 16.55 -1.02 13.16
N LYS A 153 17.52 -1.66 12.51
CA LYS A 153 18.24 -2.75 13.14
C LYS A 153 19.47 -2.28 13.94
N VAL A 154 19.62 -2.86 15.12
CA VAL A 154 20.64 -2.38 16.08
C VAL A 154 21.57 -3.45 16.66
N ALA A 155 21.41 -4.70 16.22
CA ALA A 155 22.21 -5.84 16.69
C ALA A 155 22.10 -7.03 15.74
N GLY A 157 24.41 -7.70 12.10
CA GLY A 157 24.01 -8.41 10.89
C GLY A 157 23.22 -7.51 9.96
N GLU A 158 23.68 -7.35 8.73
CA GLU A 158 22.96 -6.53 7.77
C GLU A 158 22.10 -7.41 6.88
N GLU A 159 21.75 -8.59 7.39
CA GLU A 159 20.78 -9.48 6.74
C GLU A 159 19.36 -8.91 6.81
N GLU A 160 18.60 -9.07 5.72
CA GLU A 160 17.27 -8.47 5.61
C GLU A 160 16.18 -9.33 6.23
N ILE A 161 16.30 -10.66 6.10
CA ILE A 161 15.40 -11.57 6.78
C ILE A 161 16.13 -12.22 7.96
N ASP A 162 15.62 -11.96 9.17
CA ASP A 162 16.34 -12.23 10.41
C ASP A 162 15.43 -11.97 11.63
N VAL A 163 14.94 -13.06 12.21
CA VAL A 163 14.00 -13.01 13.36
C VAL A 163 14.54 -12.24 14.58
N GLY A 164 13.64 -11.63 15.33
CA GLY A 164 14.03 -10.99 16.59
C GLY A 164 12.99 -10.08 17.19
N GLY A 165 13.31 -9.56 18.36
CA GLY A 165 12.49 -8.57 19.03
C GLY A 165 13.30 -7.34 19.40
N GLN A 166 13.09 -6.86 20.63
CA GLN A 166 13.63 -5.60 21.16
C GLN A 166 15.13 -5.57 21.14
N GLU A 167 15.72 -6.74 21.41
CA GLU A 167 17.16 -6.97 21.35
C GLU A 167 17.84 -6.69 20.00
N LYS A 168 17.06 -6.59 18.92
CA LYS A 168 17.62 -6.48 17.56
C LYS A 168 17.04 -5.36 16.65
N TYR A 169 15.84 -4.92 16.95
CA TYR A 169 15.17 -3.94 16.10
C TYR A 169 14.49 -2.95 16.99
N ILE A 170 14.50 -1.70 16.52
CA ILE A 170 13.91 -0.58 17.21
C ILE A 170 13.05 0.18 16.18
N ALA A 171 11.93 0.80 16.59
CA ALA A 171 11.10 1.59 15.67
C ALA A 171 11.50 3.07 15.82
N VAL A 172 11.59 3.76 14.69
CA VAL A 172 11.99 5.19 14.64
C VAL A 172 11.21 6.00 13.62
N CYS A 173 11.24 7.31 13.79
CA CYS A 173 10.75 8.19 12.76
C CYS A 173 11.83 8.37 11.71
N ARG A 174 11.47 8.93 10.56
CA ARG A 174 12.44 9.15 9.47
C ARG A 174 13.67 9.99 9.94
N ASP A 175 13.42 11.05 10.68
CA ASP A 175 14.55 11.87 11.14
C ASP A 175 15.55 11.17 12.05
N CYS A 176 15.05 10.44 13.04
CA CYS A 176 15.91 9.69 13.92
C CYS A 176 16.60 8.56 13.15
N TYR A 177 15.92 7.87 12.23
CA TYR A 177 16.57 6.88 11.33
C TYR A 177 17.86 7.43 10.68
N ASN A 178 17.71 8.54 9.94
CA ASN A 178 18.81 9.18 9.27
C ASN A 178 19.88 9.82 10.18
N THR A 179 19.49 10.12 11.42
CA THR A 179 20.43 10.57 12.45
C THR A 179 21.25 9.38 12.96
N LEU A 180 20.61 8.23 13.13
CA LEU A 180 21.27 7.03 13.65
C LEU A 180 22.03 6.30 12.56
N LYS A 181 21.66 6.56 11.31
CA LYS A 181 22.46 6.19 10.14
C LYS A 181 23.58 7.19 9.83
N SER B 2 11.17 15.47 8.74
CA SER B 2 11.29 14.87 7.38
C SER B 2 9.93 14.93 6.68
N GLY B 3 9.94 14.77 5.36
CA GLY B 3 8.70 14.83 4.59
C GLY B 3 7.81 13.64 4.93
N LYS B 4 6.53 13.75 4.63
CA LYS B 4 5.56 12.68 4.67
C LYS B 4 5.10 12.37 3.24
N LEU B 5 4.91 11.08 2.93
CA LEU B 5 4.40 10.59 1.62
C LEU B 5 2.95 10.13 1.73
N THR B 6 2.06 10.75 0.95
CA THR B 6 0.65 10.34 0.84
C THR B 6 0.50 9.74 -0.58
N VAL B 7 -0.11 8.54 -0.64
CA VAL B 7 -0.42 7.95 -1.93
C VAL B 7 -1.91 7.74 -2.08
N ILE B 8 -2.41 8.31 -3.17
CA ILE B 8 -3.78 8.14 -3.65
C ILE B 8 -3.82 7.12 -4.77
N THR B 9 -4.76 6.19 -4.67
CA THR B 9 -4.74 5.10 -5.63
C THR B 9 -6.14 4.53 -5.72
N GLY B 10 -6.35 3.65 -6.69
CA GLY B 10 -7.68 3.08 -6.96
C GLY B 10 -7.75 2.85 -8.47
N PRO B 11 -8.93 2.48 -9.01
CA PRO B 11 -9.04 2.31 -10.45
C PRO B 11 -9.22 3.65 -11.17
N MET B 12 -9.36 3.58 -12.49
CA MET B 12 -9.71 4.76 -13.28
C MET B 12 -11.08 5.25 -12.86
N TYR B 13 -11.36 6.54 -13.11
CA TYR B 13 -12.62 7.19 -12.83
C TYR B 13 -12.92 7.27 -11.32
N SER B 14 -11.84 7.36 -10.54
CA SER B 14 -11.88 7.36 -9.08
C SER B 14 -11.68 8.75 -8.45
N GLY B 15 -11.56 9.80 -9.26
CA GLY B 15 -11.39 11.15 -8.70
C GLY B 15 -10.00 11.36 -8.13
N LYS B 16 -9.04 10.54 -8.55
CA LYS B 16 -7.67 10.64 -8.03
C LYS B 16 -6.93 11.97 -8.32
N THR B 17 -7.13 12.54 -9.52
CA THR B 17 -6.44 13.76 -9.95
C THR B 17 -6.94 14.93 -9.17
N THR B 18 -8.26 15.02 -9.08
CA THR B 18 -8.92 16.06 -8.28
C THR B 18 -8.60 15.95 -6.80
N GLU B 19 -8.41 14.73 -6.30
CA GLU B 19 -7.96 14.54 -4.93
C GLU B 19 -6.52 15.04 -4.74
N LEU B 20 -5.62 14.69 -5.66
CA LEU B 20 -4.22 15.22 -5.61
C LEU B 20 -4.21 16.75 -5.63
N LEU B 21 -5.11 17.32 -6.41
CA LEU B 21 -5.24 18.80 -6.52
C LEU B 21 -5.75 19.48 -5.28
N SER B 22 -6.56 18.75 -4.50
CA SER B 22 -6.93 19.12 -3.15
C SER B 22 -5.72 19.43 -2.25
N PHE B 23 -4.67 18.65 -2.40
CA PHE B 23 -3.46 18.81 -1.61
C PHE B 23 -2.65 19.98 -2.17
N VAL B 24 -2.63 20.13 -3.50
CA VAL B 24 -1.87 21.20 -4.18
C VAL B 24 -2.44 22.52 -3.70
N GLU B 25 -3.76 22.55 -3.58
CA GLU B 25 -4.44 23.77 -3.14
C GLU B 25 -4.14 24.15 -1.68
N ILE B 26 -3.91 23.16 -0.82
CA ILE B 26 -3.57 23.40 0.61
C ILE B 26 -2.22 24.10 0.67
N TYR B 27 -1.27 23.68 -0.16
CA TYR B 27 0.07 24.25 -0.09
C TYR B 27 0.11 25.65 -0.65
N LYS B 28 -0.67 25.87 -1.72
CA LYS B 28 -0.64 27.17 -2.40
C LYS B 28 -1.32 28.19 -1.47
N LEU B 29 -2.44 27.76 -0.88
CA LEU B 29 -3.16 28.55 0.14
C LEU B 29 -2.26 28.86 1.37
N GLY B 30 -1.43 27.88 1.76
CA GLY B 30 -0.47 28.06 2.84
C GLY B 30 0.76 28.88 2.48
N LYS B 31 0.76 29.44 1.26
CA LYS B 31 1.90 30.16 0.68
C LYS B 31 3.17 29.32 0.72
N LYS B 32 3.07 28.09 0.20
CA LYS B 32 4.20 27.18 0.18
C LYS B 32 4.60 26.90 -1.29
N LYS B 33 5.90 26.71 -1.54
CA LYS B 33 6.39 26.46 -2.90
C LYS B 33 6.11 25.00 -3.26
N VAL B 34 5.53 24.78 -4.44
CA VAL B 34 5.20 23.44 -4.90
C VAL B 34 5.87 23.15 -6.24
N ALA B 35 5.92 21.86 -6.56
CA ALA B 35 6.41 21.41 -7.84
C ALA B 35 5.51 20.25 -8.22
N VAL B 36 4.89 20.33 -9.39
CA VAL B 36 3.94 19.32 -9.87
C VAL B 36 4.49 18.58 -11.11
N PHE B 37 4.29 17.26 -11.16
CA PHE B 37 4.86 16.47 -12.23
C PHE B 37 3.84 15.51 -12.82
N LYS B 38 4.02 15.24 -14.11
CA LYS B 38 3.28 14.22 -14.86
C LYS B 38 4.24 13.52 -15.85
N PRO B 39 3.93 12.26 -16.24
CA PRO B 39 4.80 11.56 -17.19
C PRO B 39 4.45 11.91 -18.64
N LYS B 40 5.39 11.68 -19.55
CA LYS B 40 5.15 12.08 -20.92
C LYS B 40 4.42 10.96 -21.65
N VAL B 58 -0.87 24.97 -10.68
CA VAL B 58 -0.57 25.60 -11.95
C VAL B 58 0.28 24.69 -12.84
N GLU B 59 1.44 25.17 -13.29
CA GLU B 59 2.31 24.36 -14.17
C GLU B 59 2.51 22.94 -13.64
N ALA B 60 2.33 21.97 -14.51
CA ALA B 60 2.77 20.63 -14.22
C ALA B 60 3.92 20.39 -15.18
N HIS B 61 5.06 20.00 -14.65
CA HIS B 61 6.22 19.67 -15.48
C HIS B 61 6.05 18.26 -16.01
N VAL B 62 6.06 18.18 -17.33
CA VAL B 62 6.06 16.90 -18.06
C VAL B 62 7.51 16.43 -18.11
N ILE B 63 7.75 15.26 -17.53
CA ILE B 63 9.07 14.63 -17.54
C ILE B 63 8.88 13.20 -17.96
N GLU B 64 9.97 12.54 -18.34
CA GLU B 64 9.89 11.14 -18.72
C GLU B 64 10.51 10.23 -17.67
N ARG B 65 11.66 10.63 -17.14
CA ARG B 65 12.31 9.88 -16.06
C ARG B 65 12.22 10.59 -14.68
N PRO B 66 12.18 9.81 -13.58
CA PRO B 66 12.23 10.36 -12.23
C PRO B 66 13.46 11.24 -11.94
N GLU B 67 14.60 10.86 -12.54
CA GLU B 67 15.90 11.53 -12.39
C GLU B 67 15.83 13.01 -12.76
N GLU B 68 14.84 13.32 -13.61
CA GLU B 68 14.66 14.65 -14.17
C GLU B 68 13.96 15.62 -13.22
N MET B 69 13.27 15.11 -12.19
CA MET B 69 12.67 15.97 -11.17
C MET B 69 13.66 16.94 -10.44
N ARG B 70 14.90 16.52 -10.21
CA ARG B 70 15.89 17.36 -9.49
C ARG B 70 16.26 18.67 -10.22
N LYS B 71 16.02 18.69 -11.54
CA LYS B 71 16.08 19.90 -12.38
C LYS B 71 15.11 21.00 -11.93
N TYR B 72 13.93 20.59 -11.46
CA TYR B 72 12.83 21.49 -11.16
C TYR B 72 12.55 21.69 -9.68
N ILE B 73 13.32 21.05 -8.81
CA ILE B 73 13.07 21.23 -7.38
C ILE B 73 13.98 22.30 -6.81
N GLU B 74 13.38 23.31 -6.20
CA GLU B 74 14.06 24.45 -5.57
C GLU B 74 14.42 24.22 -4.13
N GLU B 75 15.30 25.09 -3.63
CA GLU B 75 15.73 24.97 -2.26
C GLU B 75 14.61 25.26 -1.27
N ASP B 76 13.61 26.02 -1.70
CA ASP B 76 12.44 26.23 -0.83
C ASP B 76 11.17 25.45 -1.28
N THR B 77 11.30 24.59 -2.29
CA THR B 77 10.20 23.67 -2.63
C THR B 77 9.86 22.84 -1.39
N ARG B 78 8.59 22.89 -1.00
CA ARG B 78 8.07 22.18 0.15
C ARG B 78 7.17 20.98 -0.19
N GLY B 79 6.47 21.08 -1.30
CA GLY B 79 5.54 20.04 -1.73
C GLY B 79 5.89 19.56 -3.13
N VAL B 80 5.80 18.25 -3.32
CA VAL B 80 6.05 17.68 -4.65
C VAL B 80 4.87 16.74 -4.99
N PHE B 81 4.25 16.97 -6.12
CA PHE B 81 2.99 16.29 -6.47
C PHE B 81 3.18 15.55 -7.78
N ILE B 82 2.85 14.25 -7.79
CA ILE B 82 3.15 13.43 -8.96
C ILE B 82 1.90 12.67 -9.36
N ASP B 83 1.37 13.00 -10.53
CA ASP B 83 0.20 12.29 -11.08
C ASP B 83 0.69 11.13 -11.93
N GLU B 84 -0.23 10.19 -12.17
CA GLU B 84 0.04 9.05 -13.06
C GLU B 84 1.30 8.24 -12.76
N VAL B 85 1.55 8.05 -11.47
CA VAL B 85 2.82 7.46 -11.02
C VAL B 85 3.06 6.06 -11.55
N GLN B 86 2.01 5.36 -12.00
CA GLN B 86 2.17 4.02 -12.59
C GLN B 86 3.14 4.03 -13.78
N PHE B 87 3.17 5.15 -14.48
CA PHE B 87 3.97 5.26 -15.72
C PHE B 87 5.43 5.56 -15.49
N PHE B 88 5.79 5.88 -14.26
CA PHE B 88 7.20 6.18 -13.97
C PHE B 88 8.00 4.93 -13.67
N ASN B 89 9.28 5.01 -14.05
CA ASN B 89 10.28 4.07 -13.60
C ASN B 89 10.27 3.90 -12.07
N PRO B 90 10.51 2.66 -11.61
CA PRO B 90 10.59 2.34 -10.18
C PRO B 90 11.73 3.06 -9.49
N SER B 91 12.56 3.76 -10.29
CA SER B 91 13.60 4.65 -9.77
C SER B 91 13.01 5.81 -8.95
N LEU B 92 11.75 6.13 -9.23
CA LEU B 92 10.95 7.04 -8.40
C LEU B 92 10.96 6.69 -6.90
N PHE B 93 11.00 5.41 -6.54
CA PHE B 93 11.04 5.01 -5.11
C PHE B 93 12.19 5.72 -4.37
N GLU B 94 13.42 5.52 -4.82
CA GLU B 94 14.62 6.15 -4.24
C GLU B 94 14.61 7.67 -4.38
N VAL B 95 14.11 8.16 -5.51
CA VAL B 95 13.97 9.61 -5.70
C VAL B 95 13.04 10.21 -4.64
N VAL B 96 11.91 9.54 -4.37
CA VAL B 96 10.95 10.00 -3.36
C VAL B 96 11.52 9.93 -1.95
N LYS B 97 12.16 8.81 -1.60
CA LYS B 97 12.87 8.62 -0.34
C LYS B 97 13.81 9.80 0.00
N ASP B 98 14.62 10.22 -0.97
CA ASP B 98 15.56 11.35 -0.79
C ASP B 98 14.80 12.66 -0.58
N LEU B 99 13.67 12.84 -1.24
CA LEU B 99 12.88 14.06 -1.06
C LEU B 99 12.38 14.12 0.38
N LEU B 100 11.86 12.99 0.88
CA LEU B 100 11.36 12.85 2.24
C LEU B 100 12.45 13.16 3.26
N ASP B 101 13.65 12.61 3.05
CA ASP B 101 14.79 12.84 3.92
C ASP B 101 15.19 14.33 3.97
N ARG B 102 14.89 15.06 2.89
CA ARG B 102 15.16 16.51 2.85
C ARG B 102 14.08 17.38 3.48
N GLY B 103 12.91 16.80 3.76
CA GLY B 103 11.89 17.55 4.52
C GLY B 103 10.75 17.99 3.61
N ILE B 104 10.77 17.45 2.40
CA ILE B 104 9.85 17.79 1.34
C ILE B 104 8.70 16.78 1.45
N ASP B 105 7.47 17.27 1.56
CA ASP B 105 6.27 16.44 1.52
C ASP B 105 5.95 16.00 0.07
N VAL B 106 5.61 14.72 -0.09
CA VAL B 106 5.31 14.19 -1.42
C VAL B 106 3.92 13.59 -1.45
N PHE B 107 3.21 13.91 -2.51
CA PHE B 107 1.85 13.41 -2.74
C PHE B 107 1.80 12.83 -4.12
N CYS B 108 1.34 11.58 -4.24
CA CYS B 108 1.39 10.87 -5.51
C CYS B 108 -0.01 10.35 -5.77
N ALA B 109 -0.49 10.47 -7.00
CA ALA B 109 -1.62 9.67 -7.45
C ALA B 109 -1.31 8.70 -8.63
N GLY B 110 -1.91 7.49 -8.55
CA GLY B 110 -2.02 6.64 -9.72
C GLY B 110 -2.68 5.31 -9.48
N LEU B 111 -2.67 4.49 -10.54
CA LEU B 111 -3.31 3.19 -10.53
C LEU B 111 -2.51 2.12 -9.81
N ASP B 112 -3.22 1.41 -8.95
CA ASP B 112 -2.67 0.28 -8.21
C ASP B 112 -2.57 -1.01 -9.05
N LEU B 113 -3.55 -1.27 -9.89
CA LEU B 113 -3.57 -2.50 -10.68
C LEU B 113 -3.78 -2.21 -12.17
N THR B 114 -3.20 -3.06 -13.02
CA THR B 114 -3.54 -3.08 -14.42
C THR B 114 -4.90 -3.71 -14.64
N HIS B 115 -5.40 -3.49 -15.84
CA HIS B 115 -6.59 -4.16 -16.33
C HIS B 115 -6.55 -5.73 -16.27
N LYS B 116 -5.37 -6.33 -16.11
CA LYS B 116 -5.20 -7.80 -15.90
C LYS B 116 -5.07 -8.15 -14.42
N GLN B 117 -5.26 -7.15 -13.56
CA GLN B 117 -5.07 -7.24 -12.11
C GLN B 117 -3.65 -7.64 -11.76
N ASN B 118 -2.69 -7.18 -12.54
CA ASN B 118 -1.29 -7.26 -12.15
C ASN B 118 -0.95 -5.91 -11.46
N PRO B 119 -0.17 -5.96 -10.38
CA PRO B 119 0.37 -4.71 -9.81
C PRO B 119 1.15 -3.83 -10.77
N PHE B 120 0.87 -2.53 -10.74
CA PHE B 120 1.78 -1.57 -11.29
C PHE B 120 2.95 -1.46 -10.28
N GLU B 121 4.12 -1.81 -10.76
CA GLU B 121 5.29 -1.99 -9.90
C GLU B 121 5.66 -0.70 -9.12
N THR B 122 5.58 0.46 -9.77
CA THR B 122 6.00 1.72 -9.13
C THR B 122 5.05 2.17 -8.00
N THR B 123 3.75 2.11 -8.30
CA THR B 123 2.67 2.38 -7.36
C THR B 123 2.83 1.47 -6.13
N ALA B 124 3.16 0.20 -6.36
CA ALA B 124 3.36 -0.80 -5.28
C ALA B 124 4.50 -0.40 -4.38
N LEU B 125 5.64 -0.03 -4.95
CA LEU B 125 6.78 0.42 -4.15
C LEU B 125 6.39 1.64 -3.30
N LEU B 126 5.76 2.63 -3.93
CA LEU B 126 5.28 3.84 -3.20
C LEU B 126 4.27 3.57 -2.04
N LEU B 127 3.35 2.63 -2.25
CA LEU B 127 2.41 2.23 -1.21
C LEU B 127 3.13 1.69 0.02
N SER B 128 4.21 0.98 -0.21
CA SER B 128 5.01 0.46 0.87
C SER B 128 5.75 1.56 1.63
N LEU B 129 6.13 2.62 0.91
CA LEU B 129 6.88 3.75 1.48
C LEU B 129 5.96 4.76 2.20
N ALA B 130 4.69 4.76 1.82
CA ALA B 130 3.75 5.79 2.18
C ALA B 130 3.51 5.88 3.68
N ASP B 131 3.28 7.10 4.15
CA ASP B 131 2.88 7.35 5.49
C ASP B 131 1.33 7.23 5.55
N THR B 132 0.68 7.62 4.47
CA THR B 132 -0.76 7.52 4.39
C THR B 132 -1.15 7.02 3.02
N VAL B 133 -2.13 6.12 2.97
CA VAL B 133 -2.61 5.63 1.69
C VAL B 133 -4.12 5.93 1.60
N ILE B 134 -4.58 6.55 0.50
CA ILE B 134 -6.00 6.83 0.30
C ILE B 134 -6.45 5.93 -0.83
N LYS B 135 -7.42 5.05 -0.57
CA LYS B 135 -7.95 4.18 -1.64
C LYS B 135 -9.25 4.82 -2.05
N LYS B 136 -9.36 5.17 -3.33
CA LYS B 136 -10.55 5.79 -3.90
C LYS B 136 -11.30 4.72 -4.70
N LYS B 137 -12.62 4.78 -4.63
CA LYS B 137 -13.41 3.92 -5.50
C LYS B 137 -14.08 4.75 -6.58
N ALA B 138 -14.51 4.07 -7.64
CA ALA B 138 -15.34 4.60 -8.74
C ALA B 138 -16.75 3.99 -8.76
N VAL B 139 -17.61 4.51 -9.61
CA VAL B 139 -18.93 3.89 -9.86
C VAL B 139 -18.80 2.69 -10.78
N CYS B 140 -19.46 1.56 -10.45
CA CYS B 140 -19.29 0.34 -11.27
C CYS B 140 -20.04 0.54 -12.59
N HIS B 141 -19.40 0.23 -13.71
CA HIS B 141 -19.99 0.61 -14.99
C HIS B 141 -21.17 -0.32 -15.26
N ARG B 142 -21.02 -1.55 -14.76
CA ARG B 142 -22.01 -2.59 -15.00
C ARG B 142 -23.21 -2.49 -14.05
N CYS B 143 -22.97 -2.47 -12.73
CA CYS B 143 -24.03 -2.47 -11.71
C CYS B 143 -24.44 -1.11 -11.11
N GLY B 144 -23.69 -0.04 -11.39
CA GLY B 144 -24.02 1.30 -10.92
C GLY B 144 -23.82 1.63 -9.43
N GLU B 145 -23.25 0.70 -8.69
CA GLU B 145 -22.94 0.93 -7.30
C GLU B 145 -21.57 1.63 -7.15
N TYR B 146 -21.39 2.25 -6.00
CA TYR B 146 -20.19 3.00 -5.62
C TYR B 146 -19.39 2.00 -4.85
N ASN B 147 -18.75 1.11 -5.61
CA ASN B 147 -18.01 0.00 -5.07
C ASN B 147 -16.96 -0.49 -6.04
N ALA B 148 -16.70 0.27 -7.12
CA ALA B 148 -15.73 -0.18 -8.15
C ALA B 148 -14.26 -0.02 -7.69
N THR B 149 -13.46 -1.09 -7.76
CA THR B 149 -12.09 -1.07 -7.27
C THR B 149 -11.13 -1.53 -8.40
N LEU B 150 -11.68 -1.97 -9.53
CA LEU B 150 -10.84 -2.50 -10.60
C LEU B 150 -11.15 -1.80 -11.91
N THR B 151 -10.24 -1.90 -12.88
CA THR B 151 -10.44 -1.37 -14.24
C THR B 151 -10.48 -2.57 -15.21
N LEU B 152 -11.49 -2.58 -16.06
CA LEU B 152 -11.65 -3.57 -17.08
C LEU B 152 -11.37 -2.93 -18.43
N LYS B 153 -10.62 -3.63 -19.27
CA LYS B 153 -10.31 -3.12 -20.59
C LYS B 153 -11.27 -3.67 -21.65
N VAL B 154 -11.88 -2.76 -22.41
CA VAL B 154 -12.97 -3.11 -23.33
C VAL B 154 -12.76 -2.82 -24.83
N ALA B 155 -11.56 -2.43 -25.21
CA ALA B 155 -11.23 -2.31 -26.63
C ALA B 155 -9.78 -2.71 -26.80
N ILE B 161 0.52 -1.51 -20.68
CA ILE B 161 0.50 -0.07 -20.88
C ILE B 161 -0.14 0.33 -22.22
N ASP B 162 -1.24 1.07 -22.16
CA ASP B 162 -1.96 1.58 -23.32
C ASP B 162 -2.81 2.77 -22.90
N VAL B 163 -2.43 3.97 -23.32
CA VAL B 163 -3.10 5.20 -22.88
C VAL B 163 -4.50 5.31 -23.45
N GLY B 164 -5.37 6.06 -22.79
CA GLY B 164 -6.75 6.09 -23.23
C GLY B 164 -7.72 6.26 -22.08
N GLY B 165 -9.00 6.21 -22.42
CA GLY B 165 -10.04 6.62 -21.50
C GLY B 165 -11.25 5.77 -21.70
N GLN B 166 -12.42 6.42 -21.67
CA GLN B 166 -13.69 5.70 -21.53
C GLN B 166 -14.09 4.91 -22.75
N GLU B 167 -13.33 5.10 -23.81
CA GLU B 167 -13.49 4.38 -25.06
C GLU B 167 -12.73 3.06 -25.03
N LYS B 168 -11.95 2.88 -23.97
CA LYS B 168 -11.02 1.77 -23.87
C LYS B 168 -11.12 1.07 -22.51
N TYR B 169 -11.34 1.84 -21.43
CA TYR B 169 -11.44 1.28 -20.06
C TYR B 169 -12.72 1.71 -19.37
N ILE B 170 -13.31 0.77 -18.64
CA ILE B 170 -14.33 1.06 -17.67
C ILE B 170 -13.91 0.56 -16.26
N ALA B 171 -14.48 1.20 -15.22
CA ALA B 171 -14.27 0.83 -13.81
C ALA B 171 -15.40 -0.12 -13.42
N VAL B 172 -15.06 -1.19 -12.71
CA VAL B 172 -16.01 -2.19 -12.28
C VAL B 172 -15.67 -2.73 -10.87
N CYS B 173 -16.65 -3.32 -10.21
CA CYS B 173 -16.43 -4.00 -8.94
C CYS B 173 -15.89 -5.37 -9.26
N ARG B 174 -15.34 -6.06 -8.25
CA ARG B 174 -14.73 -7.39 -8.47
C ARG B 174 -15.70 -8.41 -9.07
N ASP B 175 -16.91 -8.41 -8.54
CA ASP B 175 -18.01 -9.28 -9.03
C ASP B 175 -18.30 -9.11 -10.52
N CYS B 176 -18.37 -7.87 -10.98
CA CYS B 176 -18.66 -7.58 -12.37
C CYS B 176 -17.46 -7.87 -13.22
N TYR B 177 -16.27 -7.55 -12.72
CA TYR B 177 -15.07 -7.86 -13.51
C TYR B 177 -15.16 -9.35 -13.90
N ASN B 178 -15.41 -10.18 -12.90
CA ASN B 178 -15.33 -11.63 -13.02
C ASN B 178 -16.41 -12.22 -13.90
N THR B 179 -17.54 -11.54 -13.93
CA THR B 179 -18.67 -11.81 -14.83
C THR B 179 -18.32 -11.39 -16.27
N LEU B 180 -17.52 -10.34 -16.39
CA LEU B 180 -17.22 -9.79 -17.71
C LEU B 180 -16.00 -10.39 -18.36
N LYS B 181 -15.00 -10.78 -17.56
CA LYS B 181 -13.80 -11.47 -18.03
C LYS B 181 -13.71 -12.90 -17.46
#